data_4C0L
#
_entry.id   4C0L
#
_cell.length_a   81.510
_cell.length_b   81.510
_cell.length_c   154.950
_cell.angle_alpha   90.00
_cell.angle_beta   90.00
_cell.angle_gamma   120.00
#
_symmetry.space_group_name_H-M   'P 32 2 1'
#
loop_
_entity.id
_entity.type
_entity.pdbx_description
1 polymer 'MITOCHONDRIAL RHO GTPASE'
2 non-polymer 'UNKNOWN ATOM OR ION'
3 non-polymer 'SULFATE ION'
4 non-polymer 'SODIUM ION'
5 non-polymer "GUANOSINE-5'-DIPHOSPHATE"
6 non-polymer 'MAGNESIUM ION'
7 non-polymer L-HOMOSERINE
8 water water
#
_entity_poly.entity_id   1
_entity_poly.type   'polypeptide(L)'
_entity_poly.pdbx_seq_one_letter_code
;MMEEQELTSACKKSLVRIFKICDIDGDNLLNDYELNLFQRRCFNTPLQPQILDEVKAVIQKNVPDGIYNDAVTLKGFLFL
HCLFIQRGRNETTWAVLRRFGYNDQLEMCQEYLRPPLKIPPGSSTELSHRGQQFLIAVFERYDRDGDGALSPEEHKMLFS
TCPAAPWSYSTDIRKSCPINETTGWVTLHGWLCRWTLMTLIDVVKTMEYLAYLGFNVHENDSQLAAIHVTRERRIDLAKR
QSSRSVYKCHVIGPKGSGKTGMCRGFLVEDMHKLIGKEFKTNVVNCINSVQVYGQEKHLILRDIDVRHALDPLQPQEVNC
DVACLVYDSSNPRSFEYVARIYIKYYAESKIPVMIVGTKCDMDERRQDYLMQPSEFCDKYKLLPPHLFSLKTNKKELYTK
LATMAAFPHLRQFGLMTHHHHHH
;
_entity_poly.pdbx_strand_id   A
#
# COMPACT_ATOMS: atom_id res chain seq x y z
N GLU A 6 24.67 23.38 21.79
CA GLU A 6 23.82 24.57 21.78
C GLU A 6 22.45 24.25 21.19
N LEU A 7 22.23 22.97 20.90
CA LEU A 7 20.95 22.52 20.37
C LEU A 7 20.73 21.05 20.73
N THR A 8 19.65 20.78 21.45
CA THR A 8 19.35 19.43 21.94
C THR A 8 19.28 18.39 20.82
N SER A 9 19.71 17.17 21.13
CA SER A 9 19.76 16.10 20.14
C SER A 9 18.38 15.66 19.67
N ALA A 10 17.42 15.62 20.59
CA ALA A 10 16.05 15.24 20.26
C ALA A 10 15.38 16.31 19.40
N CYS A 11 15.91 17.52 19.46
CA CYS A 11 15.38 18.62 18.66
C CYS A 11 15.96 18.59 17.25
N LYS A 12 17.19 18.11 17.14
CA LYS A 12 17.84 17.98 15.84
C LYS A 12 17.14 16.92 15.00
N LYS A 13 16.72 15.84 15.66
CA LYS A 13 16.02 14.75 14.98
C LYS A 13 14.65 15.19 14.51
N SER A 14 14.03 16.11 15.25
CA SER A 14 12.72 16.62 14.88
C SER A 14 12.85 17.69 13.78
N LEU A 15 13.99 18.36 13.73
CA LEU A 15 14.23 19.39 12.73
C LEU A 15 14.77 18.80 11.43
N VAL A 16 15.37 17.61 11.51
CA VAL A 16 15.91 16.96 10.33
C VAL A 16 14.78 16.27 9.54
N ARG A 17 13.69 15.96 10.23
CA ARG A 17 12.51 15.39 9.58
C ARG A 17 11.75 16.49 8.86
N ILE A 18 11.51 17.59 9.56
CA ILE A 18 10.78 18.73 9.02
C ILE A 18 11.43 19.27 7.74
N PHE A 19 12.76 19.28 7.72
CA PHE A 19 13.50 19.72 6.55
C PHE A 19 13.19 18.83 5.34
N LYS A 20 13.21 17.52 5.57
CA LYS A 20 12.96 16.56 4.51
C LYS A 20 11.53 16.64 3.99
N ILE A 21 10.59 16.90 4.90
CA ILE A 21 9.18 17.04 4.53
C ILE A 21 8.98 18.32 3.72
N CYS A 22 9.71 19.36 4.08
CA CYS A 22 9.59 20.65 3.40
C CYS A 22 10.41 20.70 2.11
N ASP A 23 11.37 19.79 1.97
CA ASP A 23 12.14 19.69 0.75
C ASP A 23 11.31 19.02 -0.34
N ILE A 24 10.39 19.78 -0.92
CA ILE A 24 9.42 19.24 -1.87
C ILE A 24 10.03 18.91 -3.23
N ASP A 25 11.18 19.48 -3.53
CA ASP A 25 11.85 19.26 -4.81
C ASP A 25 12.87 18.13 -4.72
N GLY A 26 13.20 17.74 -3.48
CA GLY A 26 14.17 16.69 -3.26
C GLY A 26 15.57 17.08 -3.68
N ASP A 27 15.89 18.37 -3.56
CA ASP A 27 17.20 18.88 -3.93
C ASP A 27 18.04 19.24 -2.72
N ASN A 28 17.59 18.79 -1.54
CA ASN A 28 18.26 19.08 -0.28
C ASN A 28 18.38 20.58 0.02
N LEU A 29 17.49 21.37 -0.58
CA LEU A 29 17.45 22.81 -0.37
C LEU A 29 16.03 23.26 -0.08
N LEU A 30 15.89 24.26 0.78
CA LEU A 30 14.59 24.88 1.04
C LEU A 30 14.44 26.14 0.19
N ASN A 31 13.96 25.96 -1.03
CA ASN A 31 13.80 27.09 -1.95
C ASN A 31 12.75 28.10 -1.49
N ASP A 32 12.63 29.18 -2.24
CA ASP A 32 11.79 30.31 -1.84
C ASP A 32 10.30 29.96 -1.74
N TYR A 33 9.83 29.09 -2.63
CA TYR A 33 8.41 28.75 -2.70
C TYR A 33 7.91 28.02 -1.46
N GLU A 34 8.54 26.90 -1.13
CA GLU A 34 8.09 26.07 -0.02
C GLU A 34 8.23 26.77 1.34
N LEU A 35 9.25 27.62 1.46
CA LEU A 35 9.45 28.38 2.69
C LEU A 35 8.26 29.30 2.96
N ASN A 36 7.78 29.96 1.92
CA ASN A 36 6.61 30.82 2.03
C ASN A 36 5.34 30.00 2.22
N LEU A 37 5.32 28.82 1.61
CA LEU A 37 4.17 27.92 1.72
C LEU A 37 4.01 27.39 3.13
N PHE A 38 5.10 26.83 3.68
CA PHE A 38 5.06 26.28 5.03
C PHE A 38 5.13 27.38 6.09
N GLN A 39 5.15 28.63 5.64
CA GLN A 39 5.01 29.77 6.53
C GLN A 39 3.53 29.99 6.79
N ARG A 40 2.71 29.69 5.80
CA ARG A 40 1.25 29.76 5.94
C ARG A 40 0.74 28.54 6.68
N ARG A 41 1.47 27.43 6.57
CA ARG A 41 1.10 26.20 7.24
C ARG A 41 1.32 26.29 8.74
N CYS A 42 2.31 27.08 9.14
CA CYS A 42 2.73 27.14 10.53
C CYS A 42 2.30 28.44 11.24
N PHE A 43 2.13 29.51 10.48
CA PHE A 43 1.82 30.81 11.07
C PHE A 43 0.62 31.50 10.40
N ASN A 44 -0.02 30.79 9.47
CA ASN A 44 -1.14 31.33 8.69
C ASN A 44 -0.97 32.76 8.17
N THR A 45 0.28 33.14 7.90
CA THR A 45 0.60 34.45 7.33
C THR A 45 1.67 34.28 6.26
N PRO A 46 1.61 35.10 5.21
CA PRO A 46 2.62 35.06 4.15
C PRO A 46 3.99 35.47 4.67
N LEU A 47 5.05 34.87 4.13
CA LEU A 47 6.40 35.24 4.50
C LEU A 47 6.78 36.53 3.79
N GLN A 48 7.13 37.56 4.57
CA GLN A 48 7.50 38.85 4.00
C GLN A 48 8.86 38.75 3.30
N PRO A 49 8.94 39.32 2.08
CA PRO A 49 10.14 39.23 1.22
C PRO A 49 11.41 39.74 1.88
N GLN A 50 11.30 40.76 2.74
CA GLN A 50 12.47 41.34 3.38
C GLN A 50 13.04 40.46 4.49
N ILE A 51 12.16 39.84 5.27
CA ILE A 51 12.57 38.97 6.37
C ILE A 51 13.39 37.79 5.84
N LEU A 52 12.94 37.23 4.72
CA LEU A 52 13.65 36.13 4.07
C LEU A 52 15.08 36.53 3.71
N ASP A 53 15.26 37.78 3.29
CA ASP A 53 16.58 38.30 2.97
C ASP A 53 17.45 38.38 4.23
N GLU A 54 16.86 38.89 5.31
CA GLU A 54 17.56 39.00 6.59
C GLU A 54 17.99 37.62 7.08
N VAL A 55 17.11 36.65 6.92
CA VAL A 55 17.40 35.27 7.29
C VAL A 55 18.55 34.72 6.46
N LYS A 56 18.46 34.89 5.14
CA LYS A 56 19.48 34.40 4.22
C LYS A 56 20.78 35.19 4.33
N ALA A 57 20.70 36.39 4.91
CA ALA A 57 21.90 37.19 5.14
C ALA A 57 22.63 36.71 6.39
N VAL A 58 21.87 36.43 7.43
CA VAL A 58 22.45 35.96 8.69
C VAL A 58 23.02 34.54 8.56
N ILE A 59 22.28 33.67 7.87
CA ILE A 59 22.71 32.30 7.65
C ILE A 59 24.01 32.24 6.85
N GLN A 60 24.08 33.01 5.77
CA GLN A 60 25.21 32.98 4.87
C GLN A 60 26.49 33.52 5.51
N LYS A 61 26.34 34.47 6.43
CA LYS A 61 27.50 35.10 7.07
C LYS A 61 27.98 34.32 8.30
N ASN A 62 27.08 33.59 8.93
CA ASN A 62 27.41 32.84 10.15
C ASN A 62 27.69 31.36 9.89
N VAL A 63 27.21 30.86 8.76
CA VAL A 63 27.38 29.44 8.44
C VAL A 63 28.01 29.25 7.06
N PRO A 64 29.13 28.51 7.01
CA PRO A 64 29.75 28.14 5.73
C PRO A 64 28.82 27.26 4.90
N ASP A 65 28.69 27.56 3.62
CA ASP A 65 27.76 26.88 2.72
C ASP A 65 26.37 26.61 3.32
N GLY A 66 25.85 27.60 4.03
CA GLY A 66 24.52 27.50 4.61
C GLY A 66 23.46 27.94 3.63
N ILE A 67 23.87 28.73 2.65
CA ILE A 67 22.97 29.17 1.58
C ILE A 67 23.50 28.71 0.23
N TYR A 68 22.76 27.81 -0.42
CA TYR A 68 23.15 27.29 -1.72
C TYR A 68 22.14 27.71 -2.79
N ASN A 69 22.62 28.49 -3.76
CA ASN A 69 21.78 28.99 -4.85
C ASN A 69 20.52 29.70 -4.37
N ASP A 70 20.70 30.71 -3.51
CA ASP A 70 19.61 31.52 -2.98
C ASP A 70 18.59 30.68 -2.21
N ALA A 71 19.02 29.53 -1.71
CA ALA A 71 18.14 28.62 -0.97
C ALA A 71 18.80 28.13 0.31
N VAL A 72 17.98 27.84 1.31
CA VAL A 72 18.47 27.40 2.62
C VAL A 72 18.82 25.91 2.63
N THR A 73 20.02 25.59 3.10
CA THR A 73 20.43 24.20 3.26
C THR A 73 20.01 23.67 4.62
N LEU A 74 20.38 22.43 4.93
CA LEU A 74 20.01 21.82 6.20
C LEU A 74 20.75 22.46 7.36
N LYS A 75 22.07 22.63 7.21
CA LYS A 75 22.88 23.25 8.24
C LYS A 75 22.51 24.71 8.45
N GLY A 76 21.98 25.34 7.40
CA GLY A 76 21.46 26.69 7.50
C GLY A 76 20.13 26.69 8.21
N PHE A 77 19.37 25.61 8.01
CA PHE A 77 18.07 25.44 8.65
C PHE A 77 18.23 25.11 10.13
N LEU A 78 19.21 24.27 10.44
CA LEU A 78 19.48 23.86 11.81
C LEU A 78 20.04 25.02 12.64
N PHE A 79 20.82 25.87 11.99
CA PHE A 79 21.41 27.02 12.66
C PHE A 79 20.39 28.11 12.97
N LEU A 80 19.47 28.32 12.04
CA LEU A 80 18.47 29.38 12.19
C LEU A 80 17.56 29.15 13.39
N HIS A 81 17.08 27.92 13.55
CA HIS A 81 16.23 27.58 14.68
C HIS A 81 17.02 27.53 15.98
N CYS A 82 18.32 27.20 15.86
CA CYS A 82 19.22 27.27 17.00
C CYS A 82 19.37 28.72 17.43
N LEU A 83 19.47 29.60 16.44
CA LEU A 83 19.60 31.03 16.69
C LEU A 83 18.31 31.59 17.30
N PHE A 84 17.18 31.01 16.91
CA PHE A 84 15.88 31.43 17.43
C PHE A 84 15.76 31.13 18.92
N ILE A 85 16.22 29.95 19.33
CA ILE A 85 16.11 29.53 20.72
C ILE A 85 17.03 30.33 21.64
N GLN A 86 18.26 30.57 21.18
CA GLN A 86 19.24 31.29 21.99
C GLN A 86 19.08 32.81 21.88
N ARG A 87 17.92 33.25 21.39
CA ARG A 87 17.58 34.67 21.36
C ARG A 87 16.21 34.92 21.95
N GLY A 88 15.67 33.93 22.65
CA GLY A 88 14.40 34.05 23.33
C GLY A 88 13.20 33.95 22.41
N ARG A 89 13.34 33.20 21.33
CA ARG A 89 12.24 33.01 20.39
C ARG A 89 12.04 31.53 20.05
N ASN A 90 11.82 30.72 21.07
CA ASN A 90 11.60 29.29 20.87
C ASN A 90 10.17 28.99 20.40
N GLU A 91 9.25 29.90 20.69
CA GLU A 91 7.85 29.71 20.30
C GLU A 91 7.70 29.76 18.78
N THR A 92 8.67 30.36 18.10
CA THR A 92 8.71 30.37 16.65
C THR A 92 9.08 28.97 16.16
N THR A 93 10.05 28.36 16.82
CA THR A 93 10.48 27.00 16.50
C THR A 93 9.43 26.00 16.96
N TRP A 94 8.86 26.23 18.13
CA TRP A 94 7.84 25.33 18.69
C TRP A 94 6.57 25.30 17.85
N ALA A 95 6.22 26.44 17.26
CA ALA A 95 5.05 26.51 16.38
C ALA A 95 5.26 25.62 15.17
N VAL A 96 6.49 25.60 14.66
CA VAL A 96 6.86 24.72 13.56
C VAL A 96 6.86 23.26 14.02
N LEU A 97 7.44 23.02 15.19
CA LEU A 97 7.53 21.67 15.73
C LEU A 97 6.16 21.06 16.04
N ARG A 98 5.26 21.87 16.57
CA ARG A 98 3.93 21.38 16.94
C ARG A 98 3.02 21.24 15.71
N ARG A 99 3.36 21.95 14.64
CA ARG A 99 2.60 21.85 13.39
C ARG A 99 2.91 20.52 12.72
N PHE A 100 4.15 20.08 12.87
CA PHE A 100 4.57 18.79 12.32
C PHE A 100 4.32 17.66 13.31
N GLY A 101 3.52 17.94 14.33
CA GLY A 101 3.02 16.92 15.23
C GLY A 101 3.93 16.48 16.35
N TYR A 102 4.68 17.42 16.92
CA TYR A 102 5.51 17.11 18.08
C TYR A 102 4.93 17.76 19.32
N ASN A 103 5.02 17.05 20.45
CA ASN A 103 4.59 17.61 21.72
C ASN A 103 5.77 18.24 22.48
N ASP A 104 5.55 18.57 23.75
CA ASP A 104 6.60 19.20 24.56
C ASP A 104 7.78 18.28 24.85
N GLN A 105 7.58 16.98 24.63
CA GLN A 105 8.62 15.99 24.87
C GLN A 105 9.40 15.69 23.59
N LEU A 106 9.13 16.45 22.54
CA LEU A 106 9.77 16.27 21.24
C LEU A 106 9.53 14.89 20.65
N GLU A 107 8.37 14.32 20.93
CA GLU A 107 7.96 13.05 20.33
C GLU A 107 6.62 13.23 19.63
N MET A 108 6.35 12.37 18.65
CA MET A 108 5.13 12.49 17.85
C MET A 108 3.86 12.31 18.69
N CYS A 109 2.96 13.28 18.59
CA CYS A 109 1.71 13.26 19.34
C CYS A 109 0.81 12.11 18.89
N GLN A 110 0.14 11.48 19.84
CA GLN A 110 -0.69 10.30 19.55
C GLN A 110 -1.93 10.64 18.73
N GLU A 111 -2.61 11.72 19.09
CA GLU A 111 -3.80 12.15 18.38
C GLU A 111 -3.46 12.71 17.01
N TYR A 112 -2.19 13.07 16.82
CA TYR A 112 -1.70 13.57 15.54
C TYR A 112 -1.40 12.40 14.61
N LEU A 113 -0.91 11.30 15.18
CA LEU A 113 -0.58 10.12 14.40
C LEU A 113 -1.82 9.32 14.02
N ARG A 114 -2.65 9.00 15.00
CA ARG A 114 -3.85 8.23 14.74
C ARG A 114 -5.13 8.95 15.19
N PRO A 115 -5.74 9.72 14.27
CA PRO A 115 -7.02 10.39 14.54
C PRO A 115 -8.16 9.37 14.59
N PRO A 116 -9.23 9.70 15.34
CA PRO A 116 -10.37 8.79 15.48
C PRO A 116 -11.12 8.58 14.17
N LEU A 117 -11.31 7.32 13.79
CA LEU A 117 -12.04 7.00 12.57
C LEU A 117 -13.06 5.89 12.82
N LYS A 118 -14.33 6.27 12.92
CA LYS A 118 -15.40 5.32 13.15
C LYS A 118 -15.66 4.49 11.89
N ILE A 119 -15.09 3.30 11.85
CA ILE A 119 -15.21 2.42 10.69
C ILE A 119 -16.23 1.30 10.93
N PRO A 120 -17.37 1.36 10.21
CA PRO A 120 -18.46 0.39 10.33
C PRO A 120 -18.01 -1.04 10.02
N PRO A 121 -18.69 -2.03 10.62
CA PRO A 121 -18.35 -3.44 10.38
C PRO A 121 -18.70 -3.88 8.97
N GLY A 122 -17.70 -4.34 8.22
CA GLY A 122 -17.89 -4.76 6.85
C GLY A 122 -17.44 -3.73 5.85
N SER A 123 -17.39 -2.46 6.28
CA SER A 123 -16.93 -1.38 5.43
C SER A 123 -15.42 -1.45 5.21
N SER A 124 -14.99 -1.11 4.01
CA SER A 124 -13.57 -1.16 3.66
C SER A 124 -12.95 0.24 3.65
N THR A 125 -11.64 0.29 3.85
CA THR A 125 -10.93 1.56 3.85
C THR A 125 -9.95 1.63 2.68
N GLU A 126 -10.08 2.69 1.88
CA GLU A 126 -9.23 2.87 0.71
C GLU A 126 -8.59 4.25 0.72
N LEU A 127 -7.65 4.46 -0.19
CA LEU A 127 -7.00 5.76 -0.33
C LEU A 127 -7.92 6.72 -1.09
N SER A 128 -8.11 7.91 -0.53
CA SER A 128 -8.88 8.94 -1.22
C SER A 128 -8.01 9.53 -2.32
N HIS A 129 -8.59 10.43 -3.12
CA HIS A 129 -7.86 11.05 -4.21
C HIS A 129 -6.66 11.85 -3.71
N ARG A 130 -6.86 12.57 -2.60
CA ARG A 130 -5.80 13.36 -2.00
C ARG A 130 -4.70 12.45 -1.47
N GLY A 131 -5.10 11.30 -0.95
CA GLY A 131 -4.15 10.34 -0.42
C GLY A 131 -3.26 9.76 -1.50
N GLN A 132 -3.84 9.48 -2.65
CA GLN A 132 -3.09 8.93 -3.78
C GLN A 132 -2.18 10.00 -4.39
N GLN A 133 -2.71 11.22 -4.50
CA GLN A 133 -1.94 12.34 -5.03
C GLN A 133 -0.71 12.64 -4.17
N PHE A 134 -0.87 12.47 -2.86
CA PHE A 134 0.24 12.66 -1.93
C PHE A 134 1.31 11.60 -2.11
N LEU A 135 0.89 10.34 -2.07
CA LEU A 135 1.82 9.21 -2.20
C LEU A 135 2.55 9.20 -3.53
N ILE A 136 1.91 9.74 -4.56
CA ILE A 136 2.56 9.87 -5.87
C ILE A 136 3.64 10.94 -5.81
N ALA A 137 3.30 12.08 -5.20
CA ALA A 137 4.25 13.18 -5.05
C ALA A 137 5.48 12.75 -4.26
N VAL A 138 5.26 11.98 -3.20
CA VAL A 138 6.35 11.49 -2.37
C VAL A 138 7.26 10.56 -3.16
N PHE A 139 6.66 9.74 -4.02
CA PHE A 139 7.40 8.81 -4.86
C PHE A 139 8.34 9.56 -5.80
N GLU A 140 7.86 10.65 -6.36
CA GLU A 140 8.64 11.45 -7.30
C GLU A 140 9.82 12.14 -6.64
N ARG A 141 9.62 12.59 -5.41
CA ARG A 141 10.65 13.33 -4.67
C ARG A 141 11.89 12.49 -4.39
N TYR A 142 11.68 11.22 -4.06
CA TYR A 142 12.78 10.35 -3.68
C TYR A 142 13.25 9.45 -4.82
N ASP A 143 12.67 9.63 -6.00
CA ASP A 143 13.14 8.93 -7.19
C ASP A 143 14.15 9.82 -7.91
N ARG A 144 15.35 9.90 -7.35
CA ARG A 144 16.37 10.81 -7.84
C ARG A 144 16.87 10.47 -9.24
N ASP A 145 17.13 9.18 -9.47
CA ASP A 145 17.64 8.72 -10.77
C ASP A 145 16.62 8.91 -11.89
N GLY A 146 15.34 9.01 -11.53
CA GLY A 146 14.28 9.28 -12.48
C GLY A 146 13.95 8.09 -13.35
N ASP A 147 14.21 6.89 -12.84
CA ASP A 147 13.91 5.66 -13.58
C ASP A 147 12.46 5.23 -13.38
N GLY A 148 11.72 6.01 -12.60
CA GLY A 148 10.33 5.72 -12.32
C GLY A 148 10.20 4.58 -11.32
N ALA A 149 11.23 4.38 -10.51
CA ALA A 149 11.23 3.31 -9.53
C ALA A 149 12.03 3.69 -8.28
N LEU A 150 11.70 3.05 -7.16
CA LEU A 150 12.40 3.28 -5.91
C LEU A 150 13.38 2.15 -5.61
N SER A 151 14.67 2.41 -5.79
CA SER A 151 15.71 1.46 -5.43
C SER A 151 15.70 1.29 -3.91
N PRO A 152 16.31 0.19 -3.41
CA PRO A 152 16.37 -0.01 -1.96
C PRO A 152 17.06 1.15 -1.23
N GLU A 153 17.93 1.86 -1.93
CA GLU A 153 18.56 3.05 -1.40
C GLU A 153 17.55 4.20 -1.31
N GLU A 154 16.84 4.43 -2.41
CA GLU A 154 15.84 5.49 -2.47
C GLU A 154 14.65 5.22 -1.55
N HIS A 155 14.39 3.95 -1.29
CA HIS A 155 13.28 3.55 -0.42
C HIS A 155 13.60 3.90 1.03
N LYS A 156 14.84 3.64 1.43
CA LYS A 156 15.28 3.92 2.80
C LYS A 156 15.33 5.42 3.05
N MET A 157 15.75 6.17 2.02
CA MET A 157 15.81 7.62 2.10
C MET A 157 14.41 8.22 2.25
N LEU A 158 13.43 7.57 1.63
CA LEU A 158 12.05 8.01 1.71
C LEU A 158 11.50 7.82 3.11
N PHE A 159 11.84 6.69 3.73
CA PHE A 159 11.36 6.38 5.08
C PHE A 159 12.41 6.71 6.14
N SER A 160 13.24 7.71 5.86
CA SER A 160 14.21 8.19 6.83
C SER A 160 13.55 9.14 7.80
N THR A 161 12.36 9.62 7.44
CA THR A 161 11.58 10.51 8.28
C THR A 161 10.62 9.70 9.14
N CYS A 162 10.66 8.39 8.98
CA CYS A 162 9.83 7.47 9.76
C CYS A 162 10.71 6.71 10.74
N PRO A 163 10.16 6.32 11.90
CA PRO A 163 10.91 5.53 12.88
C PRO A 163 11.40 4.23 12.28
N ALA A 164 10.61 3.67 11.38
CA ALA A 164 10.99 2.48 10.63
C ALA A 164 10.12 2.38 9.38
N ALA A 165 10.54 1.57 8.42
CA ALA A 165 9.75 1.34 7.23
C ALA A 165 8.53 0.50 7.59
N PRO A 166 7.38 0.79 6.95
CA PRO A 166 6.14 0.06 7.25
C PRO A 166 6.22 -1.38 6.74
N TRP A 167 7.18 -1.66 5.89
CA TRP A 167 7.39 -2.99 5.34
C TRP A 167 8.84 -3.17 4.92
N SER A 168 9.30 -4.41 4.88
CA SER A 168 10.65 -4.70 4.39
C SER A 168 10.70 -4.43 2.90
N TYR A 169 11.90 -4.26 2.37
CA TYR A 169 12.07 -4.02 0.94
C TYR A 169 12.42 -5.32 0.23
N SER A 170 13.30 -6.10 0.85
CA SER A 170 13.79 -7.32 0.24
C SER A 170 12.76 -8.46 0.27
N THR A 171 12.01 -8.54 1.37
CA THR A 171 11.14 -9.68 1.60
C THR A 171 9.64 -9.35 1.57
N ASP A 172 9.30 -8.15 1.12
CA ASP A 172 7.90 -7.74 1.09
C ASP A 172 7.50 -7.07 -0.21
N ILE A 173 7.82 -5.78 -0.32
CA ILE A 173 7.33 -4.95 -1.43
C ILE A 173 7.81 -5.43 -2.81
N ARG A 174 8.97 -6.08 -2.86
CA ARG A 174 9.48 -6.62 -4.11
C ARG A 174 8.85 -7.97 -4.43
N LYS A 175 8.33 -8.63 -3.40
CA LYS A 175 7.80 -9.98 -3.54
C LYS A 175 6.29 -10.06 -3.37
N SER A 176 5.61 -8.92 -3.47
CA SER A 176 4.18 -8.88 -3.26
C SER A 176 3.50 -7.82 -4.13
N CYS A 177 4.31 -7.05 -4.86
CA CYS A 177 3.79 -5.96 -5.68
C CYS A 177 4.51 -5.90 -7.02
N PRO A 178 3.82 -5.36 -8.05
CA PRO A 178 4.40 -5.20 -9.38
C PRO A 178 5.70 -4.40 -9.36
N ILE A 179 6.79 -5.01 -9.80
CA ILE A 179 8.09 -4.35 -9.85
C ILE A 179 8.58 -4.21 -11.28
N ASN A 180 9.61 -3.39 -11.47
CA ASN A 180 10.23 -3.23 -12.78
C ASN A 180 10.98 -4.50 -13.15
N GLU A 181 10.77 -4.97 -14.37
CA GLU A 181 11.32 -6.24 -14.83
C GLU A 181 12.86 -6.22 -14.86
N THR A 182 13.43 -5.10 -15.29
CA THR A 182 14.87 -4.99 -15.44
C THR A 182 15.59 -4.77 -14.11
N THR A 183 15.34 -3.63 -13.47
CA THR A 183 16.04 -3.26 -12.25
C THR A 183 15.58 -4.07 -11.05
N GLY A 184 14.38 -4.63 -11.13
CA GLY A 184 13.81 -5.40 -10.03
C GLY A 184 13.39 -4.51 -8.88
N TRP A 185 13.21 -3.22 -9.18
CA TRP A 185 12.87 -2.24 -8.15
C TRP A 185 11.39 -1.85 -8.19
N VAL A 186 10.91 -1.30 -7.08
CA VAL A 186 9.51 -0.93 -6.94
C VAL A 186 9.12 0.26 -7.81
N THR A 187 8.25 0.02 -8.79
CA THR A 187 7.75 1.10 -9.64
C THR A 187 6.68 1.91 -8.92
N LEU A 188 6.20 2.97 -9.58
CA LEU A 188 5.16 3.81 -9.02
C LEU A 188 3.87 3.01 -8.83
N HIS A 189 3.62 2.08 -9.74
CA HIS A 189 2.45 1.22 -9.69
C HIS A 189 2.50 0.31 -8.47
N GLY A 190 3.62 -0.37 -8.28
CA GLY A 190 3.83 -1.24 -7.14
C GLY A 190 3.82 -0.46 -5.84
N TRP A 191 4.27 0.79 -5.92
CA TRP A 191 4.28 1.69 -4.77
C TRP A 191 2.86 1.98 -4.31
N LEU A 192 1.99 2.33 -5.26
CA LEU A 192 0.59 2.60 -4.96
C LEU A 192 -0.15 1.33 -4.55
N CYS A 193 0.25 0.20 -5.10
CA CYS A 193 -0.36 -1.09 -4.78
C CYS A 193 -0.10 -1.49 -3.34
N ARG A 194 1.13 -1.30 -2.88
CA ARG A 194 1.51 -1.69 -1.53
C ARG A 194 0.77 -0.85 -0.48
N TRP A 195 0.62 0.44 -0.77
CA TRP A 195 -0.11 1.32 0.13
C TRP A 195 -1.60 1.01 0.13
N THR A 196 -2.11 0.59 -1.03
CA THR A 196 -3.51 0.20 -1.16
C THR A 196 -3.81 -1.00 -0.28
N LEU A 197 -2.89 -1.96 -0.27
CA LEU A 197 -3.02 -3.16 0.56
C LEU A 197 -3.06 -2.80 2.03
N MET A 198 -2.06 -2.05 2.48
CA MET A 198 -1.96 -1.65 3.88
C MET A 198 -3.17 -0.85 4.34
N THR A 199 -3.63 0.06 3.48
CA THR A 199 -4.77 0.91 3.78
C THR A 199 -6.03 0.09 4.04
N LEU A 200 -6.16 -1.02 3.33
CA LEU A 200 -7.34 -1.88 3.48
C LEU A 200 -7.28 -2.73 4.74
N ILE A 201 -6.11 -3.31 5.02
CA ILE A 201 -5.98 -4.26 6.11
C ILE A 201 -5.48 -3.64 7.40
N ASP A 202 -4.99 -2.40 7.32
CA ASP A 202 -4.47 -1.71 8.50
C ASP A 202 -4.55 -0.20 8.33
N VAL A 203 -5.66 0.39 8.73
CA VAL A 203 -5.91 1.81 8.54
C VAL A 203 -5.09 2.66 9.51
N VAL A 204 -5.09 2.29 10.78
CA VAL A 204 -4.39 3.06 11.80
C VAL A 204 -2.88 3.13 11.54
N LYS A 205 -2.38 2.21 10.71
CA LYS A 205 -0.97 2.21 10.36
C LYS A 205 -0.69 3.13 9.18
N THR A 206 -1.55 3.08 8.16
CA THR A 206 -1.34 3.88 6.97
C THR A 206 -1.49 5.39 7.26
N MET A 207 -2.33 5.71 8.25
CA MET A 207 -2.50 7.10 8.66
C MET A 207 -1.33 7.54 9.51
N GLU A 208 -0.83 6.61 10.31
CA GLU A 208 0.33 6.87 11.18
C GLU A 208 1.56 7.22 10.35
N TYR A 209 1.73 6.53 9.23
CA TYR A 209 2.89 6.74 8.38
C TYR A 209 2.75 7.95 7.47
N LEU A 210 1.52 8.32 7.15
CA LEU A 210 1.26 9.52 6.35
C LEU A 210 1.63 10.77 7.15
N ALA A 211 1.51 10.69 8.47
CA ALA A 211 1.84 11.80 9.36
C ALA A 211 3.35 12.00 9.42
N TYR A 212 4.09 10.90 9.47
CA TYR A 212 5.54 10.96 9.46
C TYR A 212 6.04 11.56 8.14
N LEU A 213 5.36 11.22 7.06
CA LEU A 213 5.71 11.73 5.74
C LEU A 213 5.27 13.18 5.58
N GLY A 214 4.33 13.60 6.43
CA GLY A 214 3.90 14.98 6.45
C GLY A 214 2.69 15.28 5.57
N PHE A 215 1.71 14.40 5.58
CA PHE A 215 0.48 14.63 4.84
C PHE A 215 -0.34 15.73 5.49
N ASN A 216 -0.29 15.77 6.82
CA ASN A 216 -1.05 16.74 7.59
C ASN A 216 -0.59 18.17 7.35
N VAL A 217 0.69 18.32 7.01
CA VAL A 217 1.26 19.63 6.72
C VAL A 217 1.08 19.98 5.25
N HIS A 218 1.35 19.01 4.37
CA HIS A 218 1.23 19.22 2.93
C HIS A 218 -0.20 19.51 2.50
N GLU A 219 -1.11 18.59 2.82
CA GLU A 219 -2.51 18.74 2.43
C GLU A 219 -3.22 19.76 3.30
N ASN A 220 -2.57 20.17 4.39
CA ASN A 220 -3.13 21.11 5.35
C ASN A 220 -4.47 20.64 5.91
N ASP A 221 -4.51 19.37 6.28
CA ASP A 221 -5.73 18.75 6.82
C ASP A 221 -5.36 17.48 7.56
N SER A 222 -6.30 16.93 8.31
CA SER A 222 -6.10 15.65 8.97
C SER A 222 -5.90 14.57 7.91
N GLN A 223 -5.18 13.51 8.28
CA GLN A 223 -4.94 12.43 7.33
C GLN A 223 -6.19 11.57 7.11
N LEU A 224 -7.30 11.98 7.73
CA LEU A 224 -8.60 11.40 7.47
C LEU A 224 -9.00 11.72 6.03
N ALA A 225 -8.49 12.85 5.52
CA ALA A 225 -8.77 13.28 4.16
C ALA A 225 -8.05 12.40 3.14
N ALA A 226 -7.10 11.60 3.61
CA ALA A 226 -6.37 10.69 2.75
C ALA A 226 -7.05 9.33 2.69
N ILE A 227 -7.95 9.08 3.65
CA ILE A 227 -8.63 7.80 3.76
C ILE A 227 -10.05 7.87 3.23
N HIS A 228 -10.41 6.90 2.38
CA HIS A 228 -11.76 6.83 1.82
C HIS A 228 -12.44 5.54 2.28
N VAL A 229 -13.57 5.68 2.97
CA VAL A 229 -14.30 4.53 3.46
C VAL A 229 -15.41 4.12 2.50
N THR A 230 -15.28 2.92 1.94
CA THR A 230 -16.25 2.42 0.97
C THR A 230 -17.17 1.37 1.60
N ARG A 231 -18.31 1.14 0.94
CA ARG A 231 -19.30 0.19 1.43
C ARG A 231 -20.30 -0.17 0.34
N GLU A 232 -20.45 -1.46 0.07
CA GLU A 232 -21.46 -1.93 -0.87
C GLU A 232 -22.85 -1.80 -0.27
N ARG A 233 -23.65 -0.88 -0.81
CA ARG A 233 -24.99 -0.64 -0.30
C ARG A 233 -26.04 -0.96 -1.36
N ARG A 234 -27.29 -0.71 -1.02
CA ARG A 234 -28.39 -0.82 -1.98
C ARG A 234 -28.39 0.41 -2.87
N ILE A 235 -29.38 0.50 -3.75
CA ILE A 235 -29.48 1.64 -4.65
C ILE A 235 -29.72 2.94 -3.87
N ASP A 236 -28.74 3.83 -3.93
CA ASP A 236 -28.83 5.11 -3.24
C ASP A 236 -28.61 6.26 -4.21
N LEU A 237 -29.30 7.37 -3.99
CA LEU A 237 -29.24 8.51 -4.89
C LEU A 237 -28.38 9.63 -4.31
N ALA A 238 -27.30 9.26 -3.64
CA ALA A 238 -26.39 10.23 -3.05
C ALA A 238 -25.47 10.83 -4.12
N LYS A 239 -24.83 11.94 -3.78
CA LYS A 239 -23.94 12.63 -4.72
C LYS A 239 -22.54 12.03 -4.69
N ARG A 240 -22.20 11.36 -3.60
CA ARG A 240 -20.87 10.77 -3.44
C ARG A 240 -20.90 9.27 -3.75
N GLN A 241 -20.31 8.90 -4.88
CA GLN A 241 -20.25 7.50 -5.28
C GLN A 241 -19.28 6.72 -4.39
N SER A 242 -19.82 5.92 -3.49
CA SER A 242 -19.02 5.14 -2.56
C SER A 242 -18.77 3.73 -3.08
N SER A 243 -18.50 3.62 -4.38
CA SER A 243 -18.24 2.32 -5.00
C SER A 243 -16.85 1.81 -4.60
N ARG A 244 -16.79 0.54 -4.21
CA ARG A 244 -15.52 -0.07 -3.81
C ARG A 244 -14.58 -0.20 -5.00
N SER A 245 -13.30 -0.43 -4.72
CA SER A 245 -12.30 -0.59 -5.77
C SER A 245 -11.17 -1.52 -5.34
N VAL A 246 -11.25 -1.99 -4.09
CA VAL A 246 -10.24 -2.91 -3.57
C VAL A 246 -10.92 -4.17 -3.04
N TYR A 247 -10.64 -5.30 -3.67
CA TYR A 247 -11.25 -6.56 -3.28
C TYR A 247 -10.22 -7.58 -2.81
N LYS A 248 -10.55 -8.31 -1.75
CA LYS A 248 -9.65 -9.31 -1.20
C LYS A 248 -10.08 -10.71 -1.61
N CYS A 249 -9.17 -11.43 -2.26
CA CYS A 249 -9.45 -12.78 -2.75
C CYS A 249 -8.60 -13.83 -2.06
N HIS A 250 -9.26 -14.77 -1.40
CA HIS A 250 -8.57 -15.87 -0.73
C HIS A 250 -8.41 -17.06 -1.67
N VAL A 251 -7.19 -17.58 -1.76
CA VAL A 251 -6.91 -18.73 -2.60
C VAL A 251 -6.63 -19.97 -1.75
N ILE A 252 -7.63 -20.85 -1.67
CA ILE A 252 -7.52 -22.04 -0.82
C ILE A 252 -7.29 -23.30 -1.67
N GLY A 253 -6.92 -24.39 -1.02
CA GLY A 253 -6.71 -25.65 -1.70
C GLY A 253 -5.57 -26.46 -1.11
N PRO A 254 -5.29 -27.63 -1.70
CA PRO A 254 -4.21 -28.53 -1.26
C PRO A 254 -2.84 -27.92 -1.46
N LYS A 255 -1.85 -28.44 -0.73
CA LYS A 255 -0.47 -27.99 -0.89
C LYS A 255 0.15 -28.59 -2.14
N GLY A 256 0.80 -27.75 -2.94
CA GLY A 256 1.43 -28.20 -4.16
C GLY A 256 0.50 -28.14 -5.36
N SER A 257 -0.67 -27.54 -5.17
CA SER A 257 -1.65 -27.43 -6.25
C SER A 257 -1.30 -26.29 -7.20
N GLY A 258 -0.22 -25.58 -6.91
CA GLY A 258 0.27 -24.53 -7.79
C GLY A 258 -0.47 -23.22 -7.67
N LYS A 259 -0.93 -22.89 -6.46
CA LYS A 259 -1.65 -21.64 -6.24
C LYS A 259 -0.74 -20.56 -5.66
N THR A 260 0.33 -20.97 -4.99
CA THR A 260 1.32 -20.03 -4.49
C THR A 260 1.98 -19.31 -5.66
N GLY A 261 2.35 -20.08 -6.68
CA GLY A 261 2.93 -19.53 -7.89
C GLY A 261 1.89 -18.79 -8.72
N MET A 262 0.63 -19.15 -8.53
CA MET A 262 -0.47 -18.50 -9.23
C MET A 262 -0.64 -17.05 -8.74
N CYS A 263 -0.52 -16.85 -7.43
CA CYS A 263 -0.63 -15.52 -6.85
C CYS A 263 0.53 -14.64 -7.27
N ARG A 264 1.73 -15.19 -7.24
CA ARG A 264 2.94 -14.45 -7.60
C ARG A 264 2.97 -14.10 -9.08
N GLY A 265 2.21 -14.84 -9.88
CA GLY A 265 2.15 -14.61 -11.31
C GLY A 265 1.31 -13.39 -11.67
N PHE A 266 0.55 -12.89 -10.71
CA PHE A 266 -0.27 -11.71 -10.89
C PHE A 266 0.63 -10.48 -11.08
N LEU A 267 1.81 -10.55 -10.48
CA LEU A 267 2.73 -9.42 -10.46
C LEU A 267 3.59 -9.33 -11.72
N VAL A 268 3.95 -10.50 -12.26
CA VAL A 268 4.84 -10.56 -13.41
C VAL A 268 4.08 -10.66 -14.73
N GLU A 269 4.74 -10.25 -15.82
CA GLU A 269 4.16 -10.34 -17.14
C GLU A 269 4.28 -11.76 -17.67
N ASP A 270 5.48 -12.33 -17.53
CA ASP A 270 5.74 -13.70 -17.94
C ASP A 270 5.73 -14.64 -16.73
N MET A 271 4.63 -15.39 -16.58
CA MET A 271 4.45 -16.26 -15.44
C MET A 271 5.18 -17.59 -15.63
N HIS A 272 5.68 -17.84 -16.84
CA HIS A 272 6.29 -19.11 -17.19
C HIS A 272 7.54 -19.42 -16.37
N LYS A 273 8.22 -18.37 -15.89
CA LYS A 273 9.47 -18.55 -15.15
C LYS A 273 9.26 -19.03 -13.72
N LEU A 274 8.00 -19.06 -13.28
CA LEU A 274 7.68 -19.40 -11.90
C LEU A 274 7.57 -20.91 -11.67
N ILE A 275 7.65 -21.69 -12.74
CA ILE A 275 7.50 -23.14 -12.65
C ILE A 275 8.58 -23.79 -11.79
N GLY A 276 9.82 -23.76 -12.27
CA GLY A 276 10.91 -24.39 -11.57
C GLY A 276 11.44 -23.60 -10.39
N LYS A 277 10.99 -22.35 -10.27
CA LYS A 277 11.47 -21.47 -9.22
C LYS A 277 10.82 -21.76 -7.87
N GLU A 278 11.66 -21.87 -6.83
CA GLU A 278 11.16 -22.07 -5.47
C GLU A 278 10.96 -20.73 -4.78
N PHE A 279 9.99 -20.68 -3.87
CA PHE A 279 9.69 -19.46 -3.14
C PHE A 279 10.28 -19.51 -1.73
N LYS A 280 11.46 -18.92 -1.57
CA LYS A 280 12.17 -18.95 -0.30
C LYS A 280 11.68 -17.90 0.68
N THR A 281 10.67 -17.13 0.27
CA THR A 281 10.05 -16.15 1.15
C THR A 281 8.52 -16.25 1.08
N ASN A 282 7.92 -16.65 2.19
CA ASN A 282 6.47 -16.79 2.27
C ASN A 282 5.76 -15.44 2.29
N VAL A 283 4.99 -15.16 1.24
CA VAL A 283 4.25 -13.91 1.13
C VAL A 283 2.77 -14.13 1.43
N VAL A 284 2.22 -13.33 2.33
CA VAL A 284 0.83 -13.48 2.75
C VAL A 284 -0.14 -12.94 1.69
N ASN A 285 0.10 -11.70 1.25
CA ASN A 285 -0.79 -11.07 0.27
C ASN A 285 -0.07 -10.55 -0.97
N CYS A 286 -0.67 -10.78 -2.13
CA CYS A 286 -0.18 -10.22 -3.38
C CYS A 286 -1.25 -9.32 -3.97
N ILE A 287 -0.85 -8.15 -4.47
CA ILE A 287 -1.81 -7.19 -4.98
C ILE A 287 -1.41 -6.61 -6.34
N ASN A 288 -2.40 -6.44 -7.22
CA ASN A 288 -2.18 -5.80 -8.51
C ASN A 288 -3.49 -5.17 -9.01
N SER A 289 -3.40 -4.41 -10.10
CA SER A 289 -4.55 -3.69 -10.62
C SER A 289 -5.06 -4.28 -11.94
N VAL A 290 -6.38 -4.39 -12.05
CA VAL A 290 -7.02 -4.85 -13.29
C VAL A 290 -8.14 -3.90 -13.68
N GLN A 291 -8.61 -4.03 -14.91
CA GLN A 291 -9.70 -3.19 -15.41
C GLN A 291 -11.00 -3.95 -15.46
N VAL A 292 -11.99 -3.49 -14.70
CA VAL A 292 -13.31 -4.12 -14.66
C VAL A 292 -14.37 -3.13 -15.14
N TYR A 293 -14.78 -3.28 -16.40
CA TYR A 293 -15.76 -2.39 -17.02
C TYR A 293 -15.35 -0.92 -16.95
N GLY A 294 -14.08 -0.65 -17.25
CA GLY A 294 -13.57 0.71 -17.27
C GLY A 294 -12.84 1.10 -16.01
N GLN A 295 -13.55 1.06 -14.88
CA GLN A 295 -12.99 1.48 -13.59
C GLN A 295 -11.80 0.64 -13.17
N GLU A 296 -10.78 1.30 -12.62
CA GLU A 296 -9.60 0.62 -12.10
C GLU A 296 -9.97 -0.19 -10.86
N LYS A 297 -9.43 -1.40 -10.76
CA LYS A 297 -9.74 -2.27 -9.64
C LYS A 297 -8.50 -2.96 -9.08
N HIS A 298 -8.34 -2.91 -7.76
CA HIS A 298 -7.23 -3.59 -7.10
C HIS A 298 -7.69 -4.91 -6.49
N LEU A 299 -6.98 -5.98 -6.80
CA LEU A 299 -7.30 -7.29 -6.27
C LEU A 299 -6.16 -7.81 -5.39
N ILE A 300 -6.52 -8.39 -4.26
CA ILE A 300 -5.53 -8.95 -3.34
C ILE A 300 -5.62 -10.47 -3.31
N LEU A 301 -4.49 -11.13 -3.51
CA LEU A 301 -4.46 -12.59 -3.55
C LEU A 301 -3.70 -13.18 -2.36
N ARG A 302 -4.45 -13.72 -1.40
CA ARG A 302 -3.85 -14.39 -0.25
C ARG A 302 -3.96 -15.90 -0.40
N ASP A 303 -2.83 -16.57 -0.57
CA ASP A 303 -2.81 -18.02 -0.75
C ASP A 303 -2.81 -18.76 0.59
N ILE A 304 -3.78 -19.66 0.76
CA ILE A 304 -3.92 -20.42 2.00
C ILE A 304 -3.85 -21.91 1.73
N ASP A 305 -2.72 -22.53 2.05
CA ASP A 305 -2.54 -23.97 1.82
C ASP A 305 -3.31 -24.80 2.84
N VAL A 306 -3.70 -26.00 2.42
CA VAL A 306 -4.43 -26.93 3.29
C VAL A 306 -3.67 -28.25 3.42
N ARG A 307 -3.19 -28.52 4.63
CA ARG A 307 -2.43 -29.75 4.90
C ARG A 307 -3.33 -30.97 4.92
N HIS A 308 -4.13 -31.11 5.98
CA HIS A 308 -5.05 -32.22 6.11
C HIS A 308 -6.45 -31.80 5.72
N ALA A 309 -7.22 -32.73 5.15
CA ALA A 309 -8.54 -32.43 4.62
C ALA A 309 -9.56 -32.04 5.70
N LEU A 310 -9.42 -32.60 6.89
CA LEU A 310 -10.35 -32.34 7.98
C LEU A 310 -9.92 -31.17 8.86
N ASP A 311 -8.74 -30.63 8.60
CA ASP A 311 -8.25 -29.47 9.34
C ASP A 311 -9.17 -28.27 9.11
N PRO A 312 -9.66 -27.67 10.21
CA PRO A 312 -10.62 -26.57 10.15
C PRO A 312 -10.02 -25.30 9.61
N LEU A 313 -10.86 -24.42 9.08
CA LEU A 313 -10.40 -23.12 8.59
C LEU A 313 -10.96 -22.01 9.47
N GLN A 314 -10.07 -21.13 9.94
CA GLN A 314 -10.46 -19.99 10.75
C GLN A 314 -11.36 -19.05 9.94
N PRO A 315 -12.28 -18.35 10.63
CA PRO A 315 -13.18 -17.41 9.95
C PRO A 315 -12.42 -16.26 9.29
N GLN A 316 -11.20 -16.00 9.76
CA GLN A 316 -10.36 -14.99 9.13
C GLN A 316 -9.84 -15.49 7.79
N GLU A 317 -9.76 -16.82 7.66
CA GLU A 317 -9.32 -17.44 6.41
C GLU A 317 -10.49 -17.60 5.45
N VAL A 318 -11.69 -17.76 6.00
CA VAL A 318 -12.89 -17.96 5.20
C VAL A 318 -13.43 -16.64 4.64
N ASN A 319 -13.66 -15.68 5.53
CA ASN A 319 -14.25 -14.40 5.15
C ASN A 319 -13.40 -13.60 4.17
N CYS A 320 -13.96 -13.35 2.98
CA CYS A 320 -13.31 -12.54 1.96
C CYS A 320 -14.33 -12.05 0.94
N ASP A 321 -13.86 -11.38 -0.10
CA ASP A 321 -14.75 -10.85 -1.13
C ASP A 321 -15.06 -11.89 -2.20
N VAL A 322 -14.07 -12.72 -2.52
CA VAL A 322 -14.25 -13.78 -3.50
C VAL A 322 -13.32 -14.96 -3.20
N ALA A 323 -13.89 -16.15 -3.05
CA ALA A 323 -13.12 -17.33 -2.75
C ALA A 323 -12.71 -18.06 -4.02
N CYS A 324 -11.40 -18.27 -4.18
CA CYS A 324 -10.88 -18.98 -5.34
C CYS A 324 -10.39 -20.37 -4.96
N LEU A 325 -11.32 -21.33 -4.94
CA LEU A 325 -10.98 -22.70 -4.60
C LEU A 325 -10.14 -23.34 -5.70
N VAL A 326 -9.02 -23.94 -5.32
CA VAL A 326 -8.04 -24.43 -6.28
C VAL A 326 -7.76 -25.92 -6.12
N TYR A 327 -7.82 -26.66 -7.23
CA TYR A 327 -7.44 -28.06 -7.24
C TYR A 327 -6.46 -28.35 -8.37
N ASP A 328 -5.57 -29.31 -8.15
CA ASP A 328 -4.63 -29.74 -9.18
C ASP A 328 -5.35 -30.64 -10.17
N SER A 329 -5.60 -30.14 -11.37
CA SER A 329 -6.34 -30.88 -12.39
C SER A 329 -5.61 -32.15 -12.82
N SER A 330 -4.29 -32.13 -12.73
CA SER A 330 -3.47 -33.29 -13.08
C SER A 330 -3.26 -34.20 -11.88
N ASN A 331 -4.13 -34.07 -10.89
CA ASN A 331 -4.06 -34.90 -9.69
C ASN A 331 -5.45 -35.43 -9.30
N PRO A 332 -5.55 -36.75 -9.14
CA PRO A 332 -6.82 -37.41 -8.79
C PRO A 332 -7.24 -37.17 -7.34
N ARG A 333 -6.26 -36.98 -6.46
CA ARG A 333 -6.54 -36.82 -5.03
C ARG A 333 -6.68 -35.36 -4.65
N SER A 334 -6.68 -34.49 -5.66
CA SER A 334 -6.66 -33.04 -5.42
C SER A 334 -8.04 -32.43 -5.14
N PHE A 335 -8.98 -32.66 -6.06
CA PHE A 335 -10.28 -32.00 -6.02
C PHE A 335 -11.08 -32.26 -4.73
N GLU A 336 -10.75 -33.36 -4.06
CA GLU A 336 -11.46 -33.76 -2.85
C GLU A 336 -11.47 -32.65 -1.78
N TYR A 337 -10.38 -31.90 -1.70
CA TYR A 337 -10.25 -30.85 -0.70
C TYR A 337 -11.20 -29.69 -1.00
N VAL A 338 -11.24 -29.29 -2.27
CA VAL A 338 -12.12 -28.21 -2.71
C VAL A 338 -13.58 -28.53 -2.40
N ALA A 339 -13.96 -29.78 -2.60
CA ALA A 339 -15.32 -30.23 -2.32
C ALA A 339 -15.66 -30.03 -0.84
N ARG A 340 -14.77 -30.47 0.04
CA ARG A 340 -14.97 -30.35 1.48
C ARG A 340 -15.07 -28.88 1.90
N ILE A 341 -14.11 -28.08 1.47
CA ILE A 341 -14.06 -26.66 1.83
C ILE A 341 -15.30 -25.92 1.36
N TYR A 342 -15.76 -26.21 0.15
CA TYR A 342 -16.94 -25.54 -0.40
C TYR A 342 -18.20 -25.88 0.40
N ILE A 343 -18.47 -27.17 0.53
CA ILE A 343 -19.69 -27.63 1.21
C ILE A 343 -19.75 -27.16 2.66
N LYS A 344 -18.60 -27.09 3.31
CA LYS A 344 -18.54 -26.72 4.72
C LYS A 344 -18.63 -25.22 4.96
N TYR A 345 -17.89 -24.45 4.16
CA TYR A 345 -17.75 -23.02 4.43
C TYR A 345 -18.44 -22.10 3.43
N TYR A 346 -18.54 -22.52 2.17
CA TYR A 346 -19.03 -21.63 1.12
C TYR A 346 -20.36 -22.04 0.49
N ALA A 347 -20.82 -23.25 0.78
CA ALA A 347 -22.09 -23.73 0.23
C ALA A 347 -23.27 -22.90 0.73
N GLU A 348 -23.26 -22.61 2.02
CA GLU A 348 -24.33 -21.84 2.64
C GLU A 348 -23.84 -20.42 2.94
N SER A 349 -23.03 -19.89 2.04
CA SER A 349 -22.46 -18.56 2.22
C SER A 349 -23.03 -17.55 1.22
N LYS A 350 -22.68 -16.29 1.40
CA LYS A 350 -23.09 -15.24 0.48
C LYS A 350 -21.88 -14.74 -0.32
N ILE A 351 -20.78 -15.46 -0.19
CA ILE A 351 -19.55 -15.10 -0.88
C ILE A 351 -19.43 -15.84 -2.21
N PRO A 352 -19.24 -15.08 -3.31
CA PRO A 352 -19.03 -15.68 -4.62
C PRO A 352 -17.78 -16.56 -4.63
N VAL A 353 -17.81 -17.63 -5.40
CA VAL A 353 -16.73 -18.62 -5.38
C VAL A 353 -16.47 -19.21 -6.77
N MET A 354 -15.20 -19.25 -7.15
CA MET A 354 -14.81 -19.80 -8.45
C MET A 354 -13.83 -20.96 -8.31
N ILE A 355 -14.19 -22.10 -8.86
CA ILE A 355 -13.34 -23.29 -8.83
C ILE A 355 -12.32 -23.23 -9.96
N VAL A 356 -11.05 -23.42 -9.62
CA VAL A 356 -9.97 -23.36 -10.60
C VAL A 356 -9.12 -24.62 -10.61
N GLY A 357 -8.99 -25.22 -11.79
CA GLY A 357 -8.13 -26.38 -11.96
C GLY A 357 -6.79 -25.99 -12.56
N THR A 358 -5.75 -26.03 -11.74
CA THR A 358 -4.42 -25.61 -12.18
C THR A 358 -3.70 -26.71 -12.96
N LYS A 359 -2.54 -26.35 -13.51
CA LYS A 359 -1.71 -27.27 -14.29
C LYS A 359 -2.48 -27.91 -15.44
N CYS A 360 -3.20 -27.09 -16.21
CA CYS A 360 -3.96 -27.59 -17.35
C CYS A 360 -3.04 -27.85 -18.54
N ASP A 361 -1.78 -27.44 -18.40
CA ASP A 361 -0.77 -27.73 -19.42
C ASP A 361 -0.42 -29.21 -19.39
N MET A 362 -0.56 -29.82 -18.22
CA MET A 362 -0.35 -31.26 -18.06
C MET A 362 -1.63 -32.01 -18.40
N ASP A 363 -1.54 -33.33 -18.51
CA ASP A 363 -2.69 -34.15 -18.85
C ASP A 363 -3.75 -34.13 -17.76
N GLU A 364 -4.94 -33.64 -18.12
CA GLU A 364 -6.07 -33.60 -17.19
C GLU A 364 -6.50 -35.00 -16.80
N ARG A 365 -6.34 -35.34 -15.52
CA ARG A 365 -6.63 -36.68 -15.04
C ARG A 365 -8.00 -36.80 -14.40
N ARG A 366 -8.44 -38.04 -14.20
CA ARG A 366 -9.68 -38.32 -13.50
C ARG A 366 -9.50 -38.02 -12.02
N GLN A 367 -10.60 -37.70 -11.34
CA GLN A 367 -10.55 -37.43 -9.91
C GLN A 367 -11.05 -38.62 -9.10
N ASP A 368 -10.30 -38.99 -8.07
CA ASP A 368 -10.67 -40.12 -7.21
C ASP A 368 -11.80 -39.78 -6.25
N TYR A 369 -12.48 -38.68 -6.52
CA TYR A 369 -13.64 -38.27 -5.74
C TYR A 369 -14.89 -38.85 -6.41
N LEU A 370 -16.03 -38.73 -5.73
CA LEU A 370 -17.30 -39.20 -6.28
C LEU A 370 -17.63 -38.43 -7.55
N MET A 371 -17.84 -37.14 -7.42
CA MET A 371 -18.17 -36.29 -8.56
C MET A 371 -16.91 -35.69 -9.19
N GLN A 372 -16.98 -35.47 -10.49
CA GLN A 372 -15.90 -34.77 -11.20
C GLN A 372 -16.17 -33.27 -11.13
N PRO A 373 -15.10 -32.46 -11.20
CA PRO A 373 -15.20 -30.99 -11.11
C PRO A 373 -16.25 -30.39 -12.05
N SER A 374 -16.45 -31.02 -13.21
CA SER A 374 -17.41 -30.53 -14.19
C SER A 374 -18.84 -30.52 -13.66
N GLU A 375 -19.31 -31.68 -13.20
CA GLU A 375 -20.68 -31.79 -12.71
C GLU A 375 -20.83 -31.35 -11.26
N PHE A 376 -19.71 -31.17 -10.57
CA PHE A 376 -19.74 -30.68 -9.19
C PHE A 376 -20.26 -29.24 -9.18
N CYS A 377 -19.84 -28.46 -10.17
CA CYS A 377 -20.31 -27.10 -10.32
C CYS A 377 -21.76 -27.08 -10.76
N ASP A 378 -22.13 -28.05 -11.60
CA ASP A 378 -23.49 -28.14 -12.12
C ASP A 378 -24.50 -28.41 -11.00
N LYS A 379 -24.07 -29.15 -9.99
CA LYS A 379 -24.94 -29.49 -8.87
C LYS A 379 -25.23 -28.28 -7.99
N TYR A 380 -24.22 -27.42 -7.80
CA TYR A 380 -24.35 -26.29 -6.89
C TYR A 380 -24.52 -24.95 -7.62
N LYS A 381 -24.90 -25.00 -8.89
CA LYS A 381 -25.09 -23.81 -9.70
C LYS A 381 -23.84 -22.92 -9.69
N LEU A 382 -22.69 -23.56 -9.95
CA LEU A 382 -21.43 -22.84 -10.01
C LEU A 382 -20.96 -22.75 -11.45
N LEU A 383 -20.27 -21.65 -11.77
CA LEU A 383 -19.68 -21.50 -13.09
C LEU A 383 -18.62 -22.58 -13.30
N PRO A 384 -18.55 -23.16 -14.50
CA PRO A 384 -17.63 -24.24 -14.85
C PRO A 384 -16.19 -23.93 -14.44
N PRO A 385 -15.46 -24.96 -13.99
CA PRO A 385 -14.07 -24.85 -13.51
C PRO A 385 -13.17 -24.15 -14.51
N HIS A 386 -12.31 -23.25 -14.02
CA HIS A 386 -11.38 -22.53 -14.88
C HIS A 386 -10.05 -23.26 -14.94
N LEU A 387 -9.63 -23.61 -16.15
CA LEU A 387 -8.34 -24.27 -16.34
C LEU A 387 -7.21 -23.25 -16.37
N PHE A 388 -6.31 -23.35 -15.40
CA PHE A 388 -5.23 -22.37 -15.27
C PHE A 388 -3.85 -22.99 -15.50
N SER A 389 -2.99 -22.27 -16.21
CA SER A 389 -1.61 -22.68 -16.42
C SER A 389 -0.68 -21.48 -16.40
N LEU A 390 0.53 -21.68 -15.89
CA LEU A 390 1.52 -20.62 -15.84
C LEU A 390 2.28 -20.50 -17.16
N LYS A 391 2.11 -21.49 -18.02
CA LYS A 391 2.75 -21.48 -19.33
C LYS A 391 1.94 -20.69 -20.34
N THR A 392 0.65 -20.54 -20.07
CA THR A 392 -0.26 -19.82 -20.96
C THR A 392 -0.01 -18.31 -20.93
N ASN A 393 0.31 -17.81 -19.73
CA ASN A 393 0.56 -16.38 -19.52
C ASN A 393 -0.62 -15.49 -19.88
N LYS A 394 -1.81 -15.85 -19.43
CA LYS A 394 -2.99 -15.02 -19.66
C LYS A 394 -3.61 -14.55 -18.34
N LYS A 395 -3.92 -13.26 -18.27
CA LYS A 395 -4.45 -12.65 -17.05
C LYS A 395 -5.97 -12.68 -16.99
N GLU A 396 -6.59 -13.61 -17.70
CA GLU A 396 -8.04 -13.66 -17.78
C GLU A 396 -8.69 -14.07 -16.46
N LEU A 397 -8.02 -14.93 -15.70
CA LEU A 397 -8.56 -15.44 -14.45
C LEU A 397 -8.64 -14.35 -13.38
N TYR A 398 -7.59 -13.55 -13.28
CA TYR A 398 -7.52 -12.50 -12.26
C TYR A 398 -8.61 -11.45 -12.47
N THR A 399 -8.89 -11.13 -13.73
CA THR A 399 -9.90 -10.13 -14.06
C THR A 399 -11.31 -10.65 -13.77
N LYS A 400 -11.49 -11.96 -13.87
CA LYS A 400 -12.77 -12.57 -13.53
C LYS A 400 -12.97 -12.61 -12.02
N LEU A 401 -11.89 -12.91 -11.30
CA LEU A 401 -11.91 -12.92 -9.84
C LEU A 401 -12.32 -11.55 -9.30
N ALA A 402 -11.80 -10.50 -9.91
CA ALA A 402 -12.14 -9.14 -9.52
C ALA A 402 -13.55 -8.78 -9.94
N THR A 403 -14.01 -9.37 -11.03
CA THR A 403 -15.35 -9.11 -11.55
C THR A 403 -16.41 -9.75 -10.65
N MET A 404 -16.12 -10.97 -10.18
CA MET A 404 -17.04 -11.69 -9.31
C MET A 404 -17.20 -10.99 -7.97
N ALA A 405 -16.16 -10.27 -7.54
CA ALA A 405 -16.20 -9.56 -6.28
C ALA A 405 -16.95 -8.25 -6.41
N ALA A 406 -16.86 -7.63 -7.58
CA ALA A 406 -17.46 -6.33 -7.82
C ALA A 406 -18.95 -6.42 -8.12
N PHE A 407 -19.42 -7.62 -8.45
CA PHE A 407 -20.80 -7.80 -8.88
C PHE A 407 -21.48 -9.01 -8.24
N PRO A 408 -22.82 -8.99 -8.17
CA PRO A 408 -23.61 -10.18 -7.83
C PRO A 408 -23.35 -11.29 -8.84
N HIS A 409 -23.55 -12.56 -8.46
CA HIS A 409 -24.05 -12.93 -7.15
C HIS A 409 -22.94 -13.05 -6.12
#